data_6HHN
#
_entry.id   6HHN
#
_cell.length_a   70.913
_cell.length_b   70.913
_cell.length_c   54.407
_cell.angle_alpha   90.00
_cell.angle_beta   90.00
_cell.angle_gamma   90.00
#
_symmetry.space_group_name_H-M   'P 43 21 2'
#
loop_
_entity.id
_entity.type
_entity.pdbx_description
1 polymer 'L-rhamnose mutarotase'
2 water water
#
_entity_poly.entity_id   1
_entity_poly.type   'polypeptide(L)'
_entity_poly.pdbx_seq_one_letter_code
;MGSSHHHHHHGSERLAFKMKLNKGQKQAYKERHDQLWPELKQLLKDNGVSEYSIFIDEETNTLFAFQKVSGHGGSQDLAN
NEIVKKWWDFMADIMQVNPDNSPVSIPLEEVFYME
;
_entity_poly.pdbx_strand_id   A
#
# COMPACT_ATOMS: atom_id res chain seq x y z
N SER A 12 -5.54 16.20 -3.59
CA SER A 12 -5.58 17.47 -2.89
C SER A 12 -4.88 17.34 -1.53
N GLU A 13 -4.94 16.14 -0.96
CA GLU A 13 -4.27 15.86 0.31
C GLU A 13 -3.13 14.89 0.05
N ARG A 14 -2.02 15.04 0.77
CA ARG A 14 -0.92 14.10 0.70
C ARG A 14 -0.97 13.19 1.92
N LEU A 15 -0.80 11.90 1.70
CA LEU A 15 -0.82 10.92 2.77
C LEU A 15 0.43 10.06 2.67
N ALA A 16 0.99 9.70 3.82
CA ALA A 16 2.10 8.77 3.85
C ALA A 16 1.90 7.79 5.00
N PHE A 17 2.41 6.58 4.79
CA PHE A 17 2.27 5.55 5.81
C PHE A 17 3.37 4.51 5.66
N LYS A 18 3.61 3.79 6.75
CA LYS A 18 4.67 2.79 6.85
C LYS A 18 4.04 1.42 7.00
N MET A 19 4.53 0.46 6.22
CA MET A 19 4.11 -0.93 6.29
C MET A 19 5.35 -1.80 6.47
N LYS A 20 5.13 -3.10 6.69
CA LYS A 20 6.21 -4.03 7.01
C LYS A 20 6.09 -5.23 6.10
N LEU A 21 7.17 -5.54 5.39
CA LEU A 21 7.29 -6.74 4.59
C LEU A 21 7.97 -7.84 5.40
N ASN A 22 7.63 -9.08 5.12
CA ASN A 22 8.32 -10.18 5.76
C ASN A 22 9.73 -10.31 5.18
N LYS A 23 10.67 -10.78 6.00
CA LYS A 23 12.06 -10.85 5.59
C LYS A 23 12.20 -11.64 4.30
N GLY A 24 12.98 -11.10 3.36
CA GLY A 24 13.35 -11.80 2.15
C GLY A 24 12.33 -11.79 1.04
N GLN A 25 11.26 -11.01 1.15
CA GLN A 25 10.15 -11.08 0.21
C GLN A 25 10.09 -9.88 -0.74
N LYS A 26 11.18 -9.12 -0.86
CA LYS A 26 11.16 -7.99 -1.77
C LYS A 26 10.79 -8.43 -3.18
N GLN A 27 11.38 -9.53 -3.66
CA GLN A 27 11.15 -9.92 -5.05
C GLN A 27 9.69 -10.25 -5.28
N ALA A 28 9.09 -11.04 -4.38
CA ALA A 28 7.69 -11.40 -4.52
C ALA A 28 6.80 -10.17 -4.48
N TYR A 29 7.10 -9.25 -3.54
CA TYR A 29 6.32 -8.03 -3.42
C TYR A 29 6.36 -7.24 -4.71
N LYS A 30 7.57 -7.06 -5.27
CA LYS A 30 7.72 -6.26 -6.48
C LYS A 30 7.02 -6.93 -7.66
N GLU A 31 7.19 -8.24 -7.82
CA GLU A 31 6.56 -8.93 -8.94
C GLU A 31 5.04 -8.85 -8.86
N ARG A 32 4.47 -9.05 -7.66
CA ARG A 32 3.01 -8.98 -7.53
C ARG A 32 2.52 -7.57 -7.83
N HIS A 33 3.29 -6.54 -7.45
CA HIS A 33 2.86 -5.17 -7.72
C HIS A 33 3.03 -4.79 -9.17
N ASP A 34 4.03 -5.37 -9.85
CA ASP A 34 4.14 -5.19 -11.30
C ASP A 34 2.90 -5.74 -12.01
N GLN A 35 2.23 -6.71 -11.38
CA GLN A 35 1.03 -7.34 -11.91
C GLN A 35 -0.22 -6.95 -11.13
N LEU A 36 -0.21 -5.76 -10.53
CA LEU A 36 -1.36 -5.30 -9.75
C LEU A 36 -2.61 -5.38 -10.60
N TRP A 37 -3.68 -5.91 -10.01
CA TRP A 37 -4.89 -6.16 -10.78
C TRP A 37 -5.43 -4.85 -11.34
N PRO A 38 -5.81 -4.80 -12.61
CA PRO A 38 -6.43 -3.58 -13.14
C PRO A 38 -7.67 -3.15 -12.41
N GLU A 39 -8.42 -4.12 -11.84
CA GLU A 39 -9.60 -3.77 -11.05
C GLU A 39 -9.21 -2.89 -9.87
N LEU A 40 -8.10 -3.22 -9.20
CA LEU A 40 -7.67 -2.47 -8.03
C LEU A 40 -7.16 -1.08 -8.43
N LYS A 41 -6.40 -1.01 -9.53
N LYS A 41 -6.41 -0.99 -9.54
CA LYS A 41 -5.95 0.29 -10.02
CA LYS A 41 -5.95 0.31 -9.99
C LYS A 41 -7.13 1.21 -10.28
C LYS A 41 -7.14 1.22 -10.26
N GLN A 42 -8.15 0.70 -10.98
CA GLN A 42 -9.32 1.52 -11.27
C GLN A 42 -10.07 1.91 -10.01
N LEU A 43 -10.22 0.97 -9.05
CA LEU A 43 -10.92 1.35 -7.82
C LEU A 43 -10.17 2.45 -7.08
N LEU A 44 -8.84 2.36 -7.02
CA LEU A 44 -8.07 3.40 -6.35
C LEU A 44 -8.28 4.74 -7.04
N LYS A 45 -8.20 4.75 -8.38
CA LYS A 45 -8.45 6.00 -9.12
C LYS A 45 -9.87 6.52 -8.87
N ASP A 46 -10.86 5.62 -8.90
CA ASP A 46 -12.24 6.03 -8.69
C ASP A 46 -12.43 6.64 -7.32
N ASN A 47 -11.59 6.27 -6.35
CA ASN A 47 -11.67 6.78 -4.99
C ASN A 47 -10.72 7.95 -4.75
N GLY A 48 -10.20 8.55 -5.82
CA GLY A 48 -9.44 9.78 -5.73
C GLY A 48 -7.96 9.63 -5.49
N VAL A 49 -7.42 8.42 -5.57
CA VAL A 49 -6.00 8.21 -5.33
C VAL A 49 -5.24 8.48 -6.62
N SER A 50 -4.14 9.22 -6.51
CA SER A 50 -3.21 9.40 -7.61
C SER A 50 -1.80 9.43 -7.07
N GLU A 51 -0.84 9.30 -7.99
CA GLU A 51 0.59 9.40 -7.68
C GLU A 51 0.94 8.59 -6.43
N TYR A 52 0.55 7.33 -6.46
CA TYR A 52 0.75 6.39 -5.36
C TYR A 52 2.08 5.67 -5.60
N SER A 53 3.05 5.94 -4.73
CA SER A 53 4.35 5.29 -4.76
C SER A 53 4.56 4.51 -3.47
N ILE A 54 5.23 3.37 -3.60
CA ILE A 54 5.71 2.63 -2.43
C ILE A 54 7.21 2.41 -2.61
N PHE A 55 8.00 2.75 -1.59
CA PHE A 55 9.45 2.63 -1.56
C PHE A 55 9.84 1.63 -0.47
N ILE A 56 10.97 0.96 -0.67
CA ILE A 56 11.44 -0.03 0.30
C ILE A 56 12.78 0.39 0.90
N ASP A 57 12.92 0.13 2.21
CA ASP A 57 14.20 0.03 2.95
C ASP A 57 14.34 -1.48 3.18
N GLU A 58 15.05 -2.13 2.27
CA GLU A 58 15.07 -3.59 2.29
C GLU A 58 15.73 -4.11 3.55
N GLU A 59 16.78 -3.43 4.02
CA GLU A 59 17.52 -3.94 5.15
C GLU A 59 16.72 -3.87 6.44
N THR A 60 15.60 -3.14 6.48
CA THR A 60 14.74 -3.14 7.65
C THR A 60 13.36 -3.70 7.36
N ASN A 61 13.16 -4.26 6.19
CA ASN A 61 11.85 -4.80 5.82
C ASN A 61 10.76 -3.76 5.96
N THR A 62 11.06 -2.50 5.59
CA THR A 62 10.09 -1.43 5.78
C THR A 62 9.66 -0.85 4.44
N LEU A 63 8.36 -0.61 4.31
CA LEU A 63 7.78 0.03 3.13
C LEU A 63 7.28 1.41 3.53
N PHE A 64 7.62 2.41 2.73
N PHE A 64 7.62 2.41 2.71
CA PHE A 64 7.13 3.77 2.91
CA PHE A 64 7.17 3.79 2.85
C PHE A 64 6.26 4.11 1.71
C PHE A 64 6.26 4.11 1.68
N ALA A 65 4.99 4.40 1.96
CA ALA A 65 4.02 4.72 0.93
C ALA A 65 3.69 6.20 0.96
N PHE A 66 3.55 6.78 -0.24
CA PHE A 66 3.12 8.15 -0.45
C PHE A 66 2.01 8.13 -1.49
N GLN A 67 0.95 8.89 -1.25
CA GLN A 67 -0.09 9.03 -2.27
C GLN A 67 -0.77 10.38 -2.11
N LYS A 68 -1.43 10.80 -3.18
CA LYS A 68 -2.33 11.94 -3.15
C LYS A 68 -3.76 11.44 -3.19
N VAL A 69 -4.63 12.11 -2.45
CA VAL A 69 -6.03 11.74 -2.38
C VAL A 69 -6.85 12.99 -2.61
N SER A 70 -7.71 12.95 -3.63
CA SER A 70 -8.60 14.07 -3.95
C SER A 70 -9.98 13.72 -3.43
N GLY A 71 -10.19 14.00 -2.15
CA GLY A 71 -11.47 13.75 -1.50
C GLY A 71 -12.03 12.38 -1.77
N ASP A 77 -15.28 3.85 0.65
CA ASP A 77 -14.75 3.10 1.78
C ASP A 77 -14.03 1.83 1.31
N LEU A 78 -12.78 2.00 0.86
CA LEU A 78 -12.06 0.91 0.22
C LEU A 78 -11.85 -0.27 1.15
N ALA A 79 -11.76 -0.04 2.46
CA ALA A 79 -11.55 -1.16 3.37
C ALA A 79 -12.68 -2.17 3.33
N ASN A 80 -13.86 -1.76 2.88
CA ASN A 80 -15.01 -2.65 2.80
C ASN A 80 -15.26 -3.17 1.38
N ASN A 81 -14.35 -2.91 0.47
CA ASN A 81 -14.53 -3.31 -0.92
C ASN A 81 -14.02 -4.73 -1.13
N GLU A 82 -14.80 -5.54 -1.86
CA GLU A 82 -14.49 -6.95 -2.02
C GLU A 82 -13.16 -7.17 -2.74
N ILE A 83 -12.84 -6.33 -3.72
CA ILE A 83 -11.60 -6.51 -4.45
C ILE A 83 -10.40 -6.16 -3.60
N VAL A 84 -10.50 -5.09 -2.80
CA VAL A 84 -9.43 -4.74 -1.87
C VAL A 84 -9.19 -5.89 -0.91
N LYS A 85 -10.25 -6.47 -0.36
CA LYS A 85 -10.08 -7.57 0.57
C LYS A 85 -9.46 -8.78 -0.09
N LYS A 86 -9.81 -9.04 -1.37
CA LYS A 86 -9.15 -10.11 -2.10
C LYS A 86 -7.67 -9.84 -2.30
N TRP A 87 -7.31 -8.56 -2.55
CA TRP A 87 -5.89 -8.21 -2.68
C TRP A 87 -5.15 -8.44 -1.35
N TRP A 88 -5.75 -8.01 -0.25
CA TRP A 88 -5.14 -8.29 1.05
C TRP A 88 -4.93 -9.79 1.24
N ASP A 89 -5.94 -10.61 0.93
CA ASP A 89 -5.78 -12.05 1.09
C ASP A 89 -4.63 -12.56 0.23
N PHE A 90 -4.53 -12.08 -1.02
CA PHE A 90 -3.49 -12.51 -1.95
C PHE A 90 -2.10 -12.18 -1.45
N MET A 91 -1.95 -11.06 -0.74
CA MET A 91 -0.65 -10.57 -0.29
C MET A 91 -0.27 -11.03 1.11
N ALA A 92 -1.14 -11.74 1.82
CA ALA A 92 -1.01 -11.87 3.27
C ALA A 92 0.17 -12.74 3.69
N ASP A 93 0.69 -13.58 2.80
CA ASP A 93 1.80 -14.46 3.14
C ASP A 93 3.13 -13.73 3.21
N ILE A 94 3.26 -12.57 2.56
CA ILE A 94 4.55 -11.89 2.50
C ILE A 94 4.55 -10.55 3.22
N MET A 95 3.44 -10.14 3.79
N MET A 95 3.41 -10.09 3.71
CA MET A 95 3.36 -8.89 4.51
CA MET A 95 3.30 -8.84 4.45
C MET A 95 3.01 -9.15 5.96
C MET A 95 2.98 -9.12 5.91
N GLN A 96 3.36 -8.18 6.78
CA GLN A 96 2.89 -8.17 8.15
C GLN A 96 1.45 -7.68 8.16
N VAL A 97 0.53 -8.55 8.57
CA VAL A 97 -0.88 -8.28 8.43
C VAL A 97 -1.64 -8.53 9.71
N ASN A 98 -2.81 -7.92 9.78
CA ASN A 98 -3.81 -8.15 10.81
C ASN A 98 -4.57 -9.44 10.56
N PRO A 99 -5.35 -9.87 11.54
CA PRO A 99 -6.19 -11.07 11.35
C PRO A 99 -7.07 -11.04 10.11
N ASP A 100 -7.55 -9.88 9.68
CA ASP A 100 -8.38 -9.77 8.49
C ASP A 100 -7.55 -9.65 7.21
N ASN A 101 -6.25 -9.80 7.31
CA ASN A 101 -5.27 -9.77 6.23
C ASN A 101 -4.94 -8.36 5.74
N SER A 102 -5.54 -7.32 6.30
CA SER A 102 -5.12 -5.97 5.94
C SER A 102 -3.71 -5.73 6.48
N PRO A 103 -2.85 -5.04 5.73
CA PRO A 103 -1.49 -4.80 6.22
C PRO A 103 -1.50 -3.90 7.43
N VAL A 104 -0.62 -4.23 8.39
CA VAL A 104 -0.30 -3.27 9.44
C VAL A 104 0.19 -2.00 8.80
N SER A 105 -0.27 -0.86 9.30
CA SER A 105 0.02 0.43 8.68
C SER A 105 0.15 1.49 9.76
N ILE A 106 1.25 2.21 9.76
CA ILE A 106 1.55 3.28 10.72
C ILE A 106 1.49 4.60 9.99
N PRO A 107 0.61 5.53 10.33
CA PRO A 107 0.56 6.80 9.58
C PRO A 107 1.75 7.67 9.91
N LEU A 108 2.18 8.46 8.92
CA LEU A 108 3.29 9.38 9.07
C LEU A 108 2.81 10.80 8.85
N GLU A 109 3.14 11.68 9.78
CA GLU A 109 2.63 13.06 9.79
C GLU A 109 3.54 13.96 8.95
N GLU A 110 2.94 14.75 8.06
CA GLU A 110 3.74 15.68 7.26
C GLU A 110 4.24 16.82 8.14
N VAL A 111 5.55 17.06 8.10
CA VAL A 111 6.18 18.14 8.86
C VAL A 111 6.82 19.20 7.98
N PHE A 112 6.90 18.98 6.67
CA PHE A 112 7.40 19.97 5.73
C PHE A 112 6.79 19.70 4.37
N TYR A 113 6.41 20.78 3.67
CA TYR A 113 6.02 20.68 2.27
C TYR A 113 6.48 21.93 1.52
N MET A 114 7.13 21.71 0.38
CA MET A 114 7.43 22.77 -0.58
C MET A 114 6.92 22.34 -1.95
N GLU A 115 5.97 23.09 -2.50
CA GLU A 115 5.46 22.78 -3.84
C GLU A 115 6.54 22.96 -4.91
#